data_8RZU
#
_entry.id   8RZU
#
_cell.length_a   59.718
_cell.length_b   77.408
_cell.length_c   77.884
_cell.angle_alpha   90.000
_cell.angle_beta   90.000
_cell.angle_gamma   90.000
#
_symmetry.space_group_name_H-M   'P 21 21 21'
#
loop_
_entity.id
_entity.type
_entity.pdbx_description
1 polymer 'Histone-lysine N-methyltransferase SETD2'
2 polymer 'Histone H3'
3 non-polymer 'ZINC ION'
4 non-polymer S-ADENOSYLMETHIONINE
5 water water
#
loop_
_entity_poly.entity_id
_entity_poly.type
_entity_poly.pdbx_seq_one_letter_code
_entity_poly.pdbx_strand_id
1 'polypeptide(L)'
;MHHHHHHSSGRENLYFQGETSVPPGSALVGPSCVMDDFRDPQRWKECAKQGKMPCYFDLIEENVYLTERKKNKSHRDIKR
MQCECTPLSKDERAQGEIACGEDCLNRLLMIECSSRCPNGDYCSNRRFQRKQHADVEVILTEKKGWGLRAAKDLPSNTFV
LEYCGEVLDHKEFKARVKEYARNKNIHYYFMAPKNDEIIDATQKGNCSRFMNHSCEPNCETQKWTVNGQLRVGFFTTKLV
PSGSELTFDYQFQRYGKEAQKCFCGSANCRGYLGGENRVSIRAAGGKMKKERSRK
;
A
2 'polypeptide(L)' APSTGGVMKPHRYR B
#
loop_
_chem_comp.id
_chem_comp.type
_chem_comp.name
_chem_comp.formula
SAM non-polymer S-ADENOSYLMETHIONINE 'C15 H22 N6 O5 S'
ZN non-polymer 'ZINC ION' 'Zn 2'
#
# COMPACT_ATOMS: atom_id res chain seq x y z
N PRO A 31 -9.12 -16.25 13.07
CA PRO A 31 -9.92 -15.21 12.43
C PRO A 31 -9.32 -14.79 11.10
N SER A 32 -10.15 -14.78 10.06
CA SER A 32 -9.77 -14.52 8.69
C SER A 32 -10.99 -13.98 7.95
N CYS A 33 -10.75 -13.10 6.97
CA CYS A 33 -11.87 -12.54 6.22
C CYS A 33 -11.38 -12.00 4.87
N VAL A 34 -12.12 -12.36 3.81
CA VAL A 34 -11.75 -12.01 2.44
C VAL A 34 -12.11 -10.55 2.18
N MET A 35 -11.61 -9.99 1.08
CA MET A 35 -11.77 -8.56 0.85
C MET A 35 -13.21 -8.17 0.49
N ASP A 36 -14.01 -9.07 -0.04
CA ASP A 36 -15.42 -8.72 -0.25
C ASP A 36 -16.23 -8.72 1.04
N ASP A 37 -15.62 -9.06 2.20
CA ASP A 37 -16.31 -8.89 3.47
C ASP A 37 -16.40 -7.42 3.86
N PHE A 38 -15.45 -6.61 3.42
CA PHE A 38 -15.45 -5.19 3.70
C PHE A 38 -16.39 -4.38 2.80
N ARG A 39 -17.30 -5.00 2.05
CA ARG A 39 -18.17 -4.18 1.21
C ARG A 39 -19.48 -3.82 1.88
N ASP A 40 -19.99 -4.69 2.75
CA ASP A 40 -21.22 -4.44 3.50
C ASP A 40 -20.85 -3.79 4.83
N PRO A 41 -20.94 -2.46 4.93
CA PRO A 41 -20.49 -1.80 6.16
C PRO A 41 -21.31 -2.18 7.38
N GLN A 42 -22.60 -2.49 7.23
CA GLN A 42 -23.35 -2.90 8.41
C GLN A 42 -22.95 -4.29 8.88
N ARG A 43 -22.80 -5.23 7.94
CA ARG A 43 -22.33 -6.56 8.33
C ARG A 43 -20.89 -6.51 8.82
N TRP A 44 -20.06 -5.71 8.15
CA TRP A 44 -18.69 -5.50 8.60
C TRP A 44 -18.69 -4.93 10.02
N LYS A 45 -19.42 -3.84 10.25
CA LYS A 45 -19.45 -3.24 11.58
C LYS A 45 -19.87 -4.24 12.64
N GLU A 46 -20.87 -5.08 12.33
CA GLU A 46 -21.34 -6.02 13.34
C GLU A 46 -20.35 -7.15 13.55
N CYS A 47 -19.71 -7.63 12.47
CA CYS A 47 -18.65 -8.61 12.61
C CYS A 47 -17.50 -8.05 13.46
N ALA A 48 -17.21 -6.75 13.31
CA ALA A 48 -16.15 -6.14 14.09
C ALA A 48 -16.50 -6.10 15.56
N LYS A 49 -17.76 -5.77 15.89
CA LYS A 49 -18.17 -5.81 17.29
C LYS A 49 -17.96 -7.21 17.89
N GLN A 50 -18.01 -8.25 17.07
CA GLN A 50 -17.77 -9.61 17.50
C GLN A 50 -16.29 -10.00 17.44
N GLY A 51 -15.40 -9.07 17.11
CA GLY A 51 -13.99 -9.38 16.98
C GLY A 51 -13.60 -10.30 15.85
N LYS A 52 -14.47 -10.51 14.86
CA LYS A 52 -14.10 -11.33 13.70
C LYS A 52 -13.67 -10.48 12.51
N MET A 53 -13.87 -9.17 12.57
CA MET A 53 -13.33 -8.30 11.55
C MET A 53 -12.64 -7.11 12.21
N PRO A 54 -11.63 -6.53 11.56
CA PRO A 54 -10.98 -5.34 12.13
C PRO A 54 -11.95 -4.18 12.22
N CYS A 55 -11.56 -3.18 13.01
CA CYS A 55 -12.40 -2.00 13.25
C CYS A 55 -12.73 -1.31 11.93
N TYR A 56 -13.91 -0.70 11.89
CA TYR A 56 -14.38 -0.10 10.65
C TYR A 56 -13.49 1.08 10.26
N PHE A 57 -13.18 1.16 8.97
CA PHE A 57 -12.61 2.35 8.36
C PHE A 57 -13.34 2.59 7.03
N ASP A 58 -13.19 3.79 6.47
CA ASP A 58 -13.84 4.14 5.20
C ASP A 58 -13.08 3.51 4.04
N LEU A 59 -13.73 2.59 3.33
CA LEU A 59 -13.11 1.95 2.17
C LEU A 59 -13.11 2.92 0.98
N ILE A 60 -11.95 3.09 0.33
CA ILE A 60 -11.87 3.91 -0.88
C ILE A 60 -11.14 3.13 -1.97
N GLU A 61 -11.48 3.44 -3.22
CA GLU A 61 -10.88 2.80 -4.37
C GLU A 61 -9.68 3.56 -4.91
N GLU A 62 -9.52 4.82 -4.51
CA GLU A 62 -8.44 5.67 -5.01
C GLU A 62 -8.21 6.78 -3.99
N ASN A 63 -7.05 7.42 -4.10
CA ASN A 63 -6.66 8.40 -3.09
C ASN A 63 -7.65 9.56 -3.03
N VAL A 64 -7.82 10.12 -1.84
CA VAL A 64 -8.67 11.29 -1.64
C VAL A 64 -7.76 12.46 -1.28
N TYR A 65 -7.77 13.50 -2.12
CA TYR A 65 -7.02 14.71 -1.84
C TYR A 65 -7.89 15.67 -1.05
N LEU A 66 -7.25 16.51 -0.24
CA LEU A 66 -7.99 17.42 0.62
C LEU A 66 -8.34 18.69 -0.18
N THR A 67 -9.02 18.45 -1.30
CA THR A 67 -9.62 19.38 -2.28
C THR A 67 -8.57 20.15 -3.09
N GLU A 68 -7.28 19.94 -2.86
CA GLU A 68 -6.27 20.63 -3.69
C GLU A 68 -6.41 20.21 -5.16
N ARG A 69 -6.23 18.91 -5.45
CA ARG A 69 -6.50 18.28 -6.75
C ARG A 69 -6.45 19.22 -7.97
N ILE A 78 -3.63 18.82 -24.08
CA ILE A 78 -3.08 17.80 -24.97
C ILE A 78 -2.41 16.68 -24.17
N LYS A 79 -3.09 15.53 -24.07
CA LYS A 79 -2.65 14.43 -23.19
C LYS A 79 -2.32 13.21 -24.04
N ARG A 80 -1.02 12.90 -24.17
CA ARG A 80 -0.59 11.73 -24.95
C ARG A 80 0.73 11.23 -24.36
N MET A 81 0.64 10.23 -23.47
CA MET A 81 1.80 9.46 -23.03
C MET A 81 1.53 8.01 -23.42
N GLN A 82 1.54 7.75 -24.72
CA GLN A 82 1.35 6.41 -25.24
C GLN A 82 2.68 5.66 -25.19
N CYS A 83 2.59 4.34 -25.13
CA CYS A 83 3.78 3.51 -25.22
C CYS A 83 4.05 3.25 -26.70
N GLU A 84 5.04 2.42 -27.01
CA GLU A 84 5.37 2.12 -28.40
C GLU A 84 5.14 0.65 -28.74
N CYS A 85 4.33 -0.04 -27.95
CA CYS A 85 4.05 -1.44 -28.23
C CYS A 85 3.22 -1.55 -29.51
N THR A 86 3.64 -2.42 -30.41
CA THR A 86 2.83 -2.69 -31.59
C THR A 86 1.62 -3.52 -31.19
N PRO A 87 0.41 -3.12 -31.57
CA PRO A 87 -0.80 -3.80 -31.07
C PRO A 87 -0.81 -5.29 -31.42
N LEU A 88 -1.21 -6.11 -30.44
CA LEU A 88 -1.35 -7.53 -30.67
C LEU A 88 -2.52 -7.79 -31.62
N SER A 89 -2.28 -8.66 -32.60
CA SER A 89 -3.36 -9.17 -33.45
C SER A 89 -4.32 -10.02 -32.63
N LYS A 90 -5.52 -10.21 -33.17
CA LYS A 90 -6.51 -11.00 -32.45
C LYS A 90 -6.15 -12.48 -32.43
N ASP A 91 -5.27 -12.94 -33.33
CA ASP A 91 -4.72 -14.29 -33.23
C ASP A 91 -3.65 -14.40 -32.16
N GLU A 92 -2.82 -13.34 -32.00
CA GLU A 92 -1.80 -13.37 -30.97
C GLU A 92 -2.43 -13.40 -29.58
N ARG A 93 -3.45 -12.55 -29.37
CA ARG A 93 -4.27 -12.66 -28.17
C ARG A 93 -4.68 -14.10 -27.93
N ALA A 94 -5.25 -14.74 -28.96
CA ALA A 94 -5.68 -16.14 -28.86
C ALA A 94 -4.52 -17.08 -28.56
N GLN A 95 -3.28 -16.72 -28.86
CA GLN A 95 -2.14 -17.60 -28.65
C GLN A 95 -1.49 -17.40 -27.29
N GLY A 96 -1.98 -16.44 -26.51
CA GLY A 96 -1.52 -16.24 -25.16
C GLY A 96 -0.52 -15.11 -24.98
N GLU A 97 -0.22 -14.37 -26.03
CA GLU A 97 0.75 -13.29 -25.93
C GLU A 97 0.23 -12.19 -25.01
N ILE A 98 1.14 -11.50 -24.36
CA ILE A 98 0.78 -10.46 -23.42
C ILE A 98 0.83 -9.11 -24.13
N ALA A 99 -0.02 -8.19 -23.71
CA ALA A 99 -0.06 -6.85 -24.28
C ALA A 99 0.58 -5.88 -23.29
N CYS A 100 1.56 -5.10 -23.76
CA CYS A 100 2.29 -4.18 -22.90
C CYS A 100 2.94 -4.99 -21.77
N GLY A 101 3.73 -5.98 -22.19
CA GLY A 101 4.43 -6.84 -21.25
C GLY A 101 5.70 -6.18 -20.75
N GLU A 102 6.75 -6.98 -20.61
CA GLU A 102 7.93 -6.49 -19.92
C GLU A 102 8.68 -5.44 -20.74
N ASP A 103 8.47 -5.40 -22.05
CA ASP A 103 9.19 -4.46 -22.90
C ASP A 103 8.39 -3.20 -23.18
N CYS A 104 7.27 -3.01 -22.48
CA CYS A 104 6.45 -1.82 -22.71
C CYS A 104 7.12 -0.60 -22.09
N LEU A 105 7.37 0.43 -22.91
CA LEU A 105 8.06 1.62 -22.43
C LEU A 105 7.33 2.27 -21.26
N ASN A 106 5.99 2.30 -21.28
CA ASN A 106 5.27 2.85 -20.14
C ASN A 106 5.57 2.06 -18.87
N ARG A 107 5.43 0.73 -18.94
CA ARG A 107 5.69 -0.11 -17.78
C ARG A 107 7.11 0.08 -17.27
N LEU A 108 8.10 0.04 -18.16
CA LEU A 108 9.51 0.17 -17.78
C LEU A 108 9.79 1.46 -17.02
N LEU A 109 8.93 2.47 -17.13
CA LEU A 109 9.08 3.70 -16.39
C LEU A 109 8.08 3.80 -15.28
N MET A 110 7.36 2.72 -14.98
CA MET A 110 6.38 2.72 -13.90
C MET A 110 5.30 3.78 -14.16
N ILE A 111 4.79 3.76 -15.39
CA ILE A 111 3.67 4.56 -15.86
C ILE A 111 2.63 3.60 -16.40
N GLU A 112 1.38 3.78 -16.00
CA GLU A 112 0.34 2.92 -16.53
C GLU A 112 -0.19 3.47 -17.86
N CYS A 113 -0.59 2.56 -18.73
CA CYS A 113 -1.23 2.96 -19.97
C CYS A 113 -2.64 3.48 -19.70
N SER A 114 -3.12 4.29 -20.62
CA SER A 114 -4.46 4.82 -20.53
C SER A 114 -5.41 3.98 -21.38
N SER A 115 -6.66 4.42 -21.42
CA SER A 115 -7.64 3.78 -22.31
C SER A 115 -7.20 3.86 -23.76
N ARG A 116 -6.41 4.87 -24.12
CA ARG A 116 -5.96 5.07 -25.49
C ARG A 116 -4.75 4.21 -25.86
N CYS A 117 -4.29 3.31 -24.98
CA CYS A 117 -3.10 2.51 -25.28
C CYS A 117 -3.27 1.77 -26.59
N PRO A 118 -2.23 1.67 -27.42
CA PRO A 118 -2.39 0.97 -28.71
C PRO A 118 -2.96 -0.44 -28.58
N ASN A 119 -2.79 -1.09 -27.43
CA ASN A 119 -3.32 -2.43 -27.22
C ASN A 119 -4.73 -2.43 -26.65
N GLY A 120 -5.28 -1.27 -26.32
CA GLY A 120 -6.70 -1.20 -26.01
C GLY A 120 -7.07 -2.06 -24.82
N ASP A 121 -8.12 -2.86 -25.00
CA ASP A 121 -8.63 -3.66 -23.90
C ASP A 121 -7.63 -4.72 -23.45
N TYR A 122 -6.74 -5.15 -24.34
CA TYR A 122 -5.74 -6.18 -24.04
C TYR A 122 -4.65 -5.72 -23.05
N CYS A 123 -4.42 -4.43 -22.92
CA CYS A 123 -3.25 -3.92 -22.22
C CYS A 123 -3.17 -4.45 -20.80
N SER A 124 -2.07 -5.12 -20.47
CA SER A 124 -1.89 -5.67 -19.13
C SER A 124 -1.21 -4.66 -18.19
N ASN A 125 -1.01 -3.42 -18.63
CA ASN A 125 -0.33 -2.40 -17.84
C ASN A 125 -1.30 -1.36 -17.32
N ARG A 126 -2.47 -1.80 -16.86
CA ARG A 126 -3.44 -0.91 -16.23
C ARG A 126 -3.92 -1.52 -14.91
N ARG A 127 -3.01 -2.20 -14.21
CA ARG A 127 -3.37 -2.97 -13.02
C ARG A 127 -3.95 -2.07 -11.92
N PHE A 128 -3.33 -0.93 -11.68
CA PHE A 128 -3.87 0.00 -10.68
C PHE A 128 -5.27 0.44 -11.07
N GLN A 129 -5.44 0.88 -12.32
CA GLN A 129 -6.73 1.43 -12.74
C GLN A 129 -7.81 0.36 -12.74
N ARG A 130 -7.48 -0.84 -13.22
CA ARG A 130 -8.45 -1.93 -13.26
C ARG A 130 -8.59 -2.67 -11.94
N LYS A 131 -7.74 -2.36 -10.95
CA LYS A 131 -7.86 -2.96 -9.63
C LYS A 131 -7.61 -4.47 -9.71
N GLN A 132 -6.58 -4.83 -10.48
CA GLN A 132 -6.21 -6.23 -10.72
C GLN A 132 -5.30 -6.71 -9.59
N HIS A 133 -5.88 -6.79 -8.38
CA HIS A 133 -5.18 -7.08 -7.14
C HIS A 133 -4.81 -8.56 -7.04
N ALA A 134 -3.92 -8.86 -6.11
CA ALA A 134 -3.71 -10.26 -5.76
C ALA A 134 -4.84 -10.75 -4.87
N ASP A 135 -5.02 -12.06 -4.84
CA ASP A 135 -5.97 -12.68 -3.93
C ASP A 135 -5.33 -12.78 -2.54
N VAL A 136 -5.83 -11.98 -1.59
CA VAL A 136 -5.27 -11.86 -0.25
C VAL A 136 -6.42 -11.82 0.75
N GLU A 137 -6.08 -12.15 1.99
CA GLU A 137 -7.03 -12.11 3.09
C GLU A 137 -6.43 -11.31 4.25
N VAL A 138 -7.31 -10.72 5.04
CA VAL A 138 -6.91 -10.02 6.26
C VAL A 138 -7.00 -11.01 7.40
N ILE A 139 -5.91 -11.15 8.17
CA ILE A 139 -5.89 -12.13 9.26
C ILE A 139 -5.43 -11.46 10.53
N LEU A 140 -5.76 -12.07 11.65
CA LEU A 140 -5.33 -11.61 12.96
C LEU A 140 -4.01 -12.28 13.34
N THR A 141 -2.99 -11.47 13.59
CA THR A 141 -1.69 -11.95 13.98
C THR A 141 -1.55 -11.98 15.52
N GLU A 142 -0.49 -12.63 15.99
CA GLU A 142 -0.32 -12.84 17.44
C GLU A 142 -0.10 -11.52 18.19
N LYS A 143 0.74 -10.63 17.66
CA LYS A 143 1.18 -9.47 18.44
C LYS A 143 1.15 -8.15 17.69
N LYS A 144 0.83 -8.13 16.40
CA LYS A 144 0.95 -6.93 15.59
C LYS A 144 -0.39 -6.35 15.19
N GLY A 145 -1.49 -6.91 15.70
CA GLY A 145 -2.80 -6.54 15.23
C GLY A 145 -3.19 -7.39 14.02
N TRP A 146 -3.95 -6.81 13.10
CA TRP A 146 -4.35 -7.55 11.92
C TRP A 146 -3.26 -7.45 10.85
N GLY A 147 -3.31 -8.38 9.88
CA GLY A 147 -2.30 -8.47 8.86
C GLY A 147 -2.90 -8.91 7.54
N LEU A 148 -2.03 -9.09 6.55
CA LEU A 148 -2.41 -9.52 5.22
C LEU A 148 -1.67 -10.80 4.88
N ARG A 149 -2.38 -11.78 4.32
CA ARG A 149 -1.75 -13.01 3.90
C ARG A 149 -2.17 -13.34 2.48
N ALA A 150 -1.32 -14.08 1.78
CA ALA A 150 -1.61 -14.51 0.42
C ALA A 150 -2.59 -15.68 0.46
N ALA A 151 -3.68 -15.56 -0.30
CA ALA A 151 -4.66 -16.65 -0.35
C ALA A 151 -4.35 -17.66 -1.45
N LYS A 152 -3.30 -17.42 -2.22
CA LYS A 152 -2.84 -18.32 -3.28
C LYS A 152 -1.40 -17.94 -3.54
N ASP A 153 -0.65 -18.85 -4.14
CA ASP A 153 0.75 -18.55 -4.42
C ASP A 153 0.85 -17.32 -5.31
N LEU A 154 1.67 -16.35 -4.90
CA LEU A 154 1.91 -15.17 -5.71
C LEU A 154 3.31 -15.25 -6.28
N PRO A 155 3.49 -15.33 -7.60
CA PRO A 155 4.84 -15.28 -8.18
C PRO A 155 5.54 -13.99 -7.76
N SER A 156 6.85 -13.96 -8.01
CA SER A 156 7.63 -12.78 -7.68
C SER A 156 7.29 -11.63 -8.63
N ASN A 157 7.33 -10.42 -8.09
CA ASN A 157 6.99 -9.20 -8.83
C ASN A 157 5.50 -9.17 -9.17
N THR A 158 4.66 -9.54 -8.22
CA THR A 158 3.21 -9.55 -8.40
C THR A 158 2.59 -8.35 -7.70
N PHE A 159 1.72 -7.64 -8.42
CA PHE A 159 1.04 -6.48 -7.84
C PHE A 159 0.08 -6.94 -6.75
N VAL A 160 0.25 -6.43 -5.54
CA VAL A 160 -0.59 -6.90 -4.44
C VAL A 160 -1.81 -5.99 -4.32
N LEU A 161 -1.58 -4.76 -3.89
CA LEU A 161 -2.63 -3.76 -3.66
C LEU A 161 -1.99 -2.40 -3.72
N GLU A 162 -2.81 -1.40 -4.03
CA GLU A 162 -2.40 0.00 -3.91
C GLU A 162 -2.57 0.48 -2.48
N TYR A 163 -1.59 1.24 -1.99
CA TYR A 163 -1.73 1.91 -0.70
C TYR A 163 -2.51 3.20 -0.91
N CYS A 164 -3.82 3.16 -0.65
CA CYS A 164 -4.69 4.32 -0.77
C CYS A 164 -4.85 5.00 0.58
N GLY A 165 -5.14 6.30 0.54
CA GLY A 165 -5.46 7.03 1.76
C GLY A 165 -5.82 8.45 1.43
N GLU A 166 -5.81 9.31 2.44
CA GLU A 166 -5.98 10.74 2.25
C GLU A 166 -4.62 11.38 2.06
N VAL A 167 -4.48 12.21 1.04
CA VAL A 167 -3.21 12.87 0.76
C VAL A 167 -3.19 14.18 1.54
N LEU A 168 -2.23 14.31 2.45
CA LEU A 168 -2.13 15.45 3.34
C LEU A 168 -0.99 16.36 2.93
N ASP A 169 -1.19 17.67 3.08
CA ASP A 169 -0.07 18.59 3.03
C ASP A 169 0.59 18.66 4.41
N HIS A 170 1.73 19.34 4.49
CA HIS A 170 2.50 19.24 5.73
C HIS A 170 1.71 19.79 6.92
N LYS A 171 0.82 20.75 6.69
CA LYS A 171 0.08 21.32 7.81
C LYS A 171 -1.08 20.43 8.25
N GLU A 172 -1.75 19.70 7.35
CA GLU A 172 -2.69 18.72 7.87
C GLU A 172 -1.97 17.52 8.48
N PHE A 173 -0.77 17.19 8.00
CA PHE A 173 -0.03 16.10 8.61
C PHE A 173 0.25 16.38 10.08
N LYS A 174 0.69 17.60 10.40
CA LYS A 174 0.95 17.96 11.79
C LYS A 174 -0.33 17.92 12.62
N ALA A 175 -1.46 18.35 12.03
CA ALA A 175 -2.72 18.31 12.77
C ALA A 175 -3.11 16.88 13.11
N ARG A 176 -2.87 15.92 12.19
CA ARG A 176 -3.22 14.54 12.47
C ARG A 176 -2.22 13.89 13.42
N VAL A 177 -0.94 14.27 13.32
CA VAL A 177 0.02 13.82 14.33
C VAL A 177 -0.52 14.14 15.71
N LYS A 178 -0.98 15.38 15.90
CA LYS A 178 -1.50 15.78 17.19
C LYS A 178 -2.75 14.98 17.54
N GLU A 179 -3.66 14.80 16.58
CA GLU A 179 -4.91 14.11 16.88
C GLU A 179 -4.68 12.65 17.23
N TYR A 180 -3.83 11.97 16.47
CA TYR A 180 -3.62 10.55 16.71
C TYR A 180 -2.89 10.35 18.03
N ALA A 181 -1.95 11.25 18.34
CA ALA A 181 -1.25 11.17 19.62
C ALA A 181 -2.21 11.40 20.78
N ARG A 182 -3.05 12.44 20.69
CA ARG A 182 -3.98 12.69 21.79
C ARG A 182 -5.04 11.59 21.91
N ASN A 183 -5.35 10.89 20.80
CA ASN A 183 -6.28 9.77 20.87
C ASN A 183 -5.61 8.50 21.39
N LYS A 184 -4.27 8.49 21.41
CA LYS A 184 -3.48 7.35 21.88
C LYS A 184 -3.64 6.15 20.95
N ASN A 185 -3.71 6.42 19.65
CA ASN A 185 -3.69 5.33 18.67
C ASN A 185 -2.45 4.47 18.87
N ILE A 186 -2.61 3.18 18.61
CA ILE A 186 -1.48 2.27 18.58
C ILE A 186 -0.91 2.16 17.18
N HIS A 187 -1.76 1.91 16.19
CA HIS A 187 -1.31 1.72 14.82
C HIS A 187 -1.21 3.07 14.13
N TYR A 188 -0.18 3.23 13.30
CA TYR A 188 -0.03 4.43 12.50
C TYR A 188 0.04 4.03 11.03
N TYR A 189 -0.39 4.96 10.18
CA TYR A 189 -0.67 4.60 8.80
C TYR A 189 -0.17 5.66 7.84
N PHE A 190 0.92 6.35 8.19
CA PHE A 190 1.48 7.41 7.36
C PHE A 190 2.49 6.82 6.38
N MET A 191 2.25 7.01 5.10
CA MET A 191 3.22 6.71 4.06
C MET A 191 3.74 8.03 3.52
N ALA A 192 5.06 8.16 3.44
CA ALA A 192 5.67 9.42 2.94
C ALA A 192 6.35 9.16 1.61
N PRO A 193 5.61 9.18 0.48
CA PRO A 193 6.24 9.01 -0.81
C PRO A 193 7.43 9.97 -0.89
N LYS A 194 8.57 9.46 -1.34
CA LYS A 194 9.81 10.28 -1.37
C LYS A 194 9.54 11.60 -2.10
N ASN A 195 9.97 12.72 -1.49
CA ASN A 195 9.77 14.06 -2.10
C ASN A 195 8.29 14.29 -2.36
N ASP A 196 7.40 13.88 -1.45
CA ASP A 196 5.99 14.05 -1.77
C ASP A 196 5.15 14.08 -0.50
N GLU A 197 3.86 14.36 -0.71
CA GLU A 197 2.91 14.50 0.37
C GLU A 197 2.66 13.17 1.05
N ILE A 198 2.17 13.24 2.28
CA ILE A 198 1.84 12.04 3.05
C ILE A 198 0.55 11.41 2.54
N ILE A 199 0.55 10.08 2.43
CA ILE A 199 -0.67 9.32 2.26
C ILE A 199 -1.05 8.73 3.62
N ASP A 200 -2.15 9.22 4.19
CA ASP A 200 -2.63 8.79 5.49
C ASP A 200 -3.81 7.83 5.30
N ALA A 201 -3.61 6.56 5.64
CA ALA A 201 -4.66 5.56 5.50
C ALA A 201 -5.29 5.20 6.83
N THR A 202 -5.19 6.09 7.81
CA THR A 202 -5.71 5.81 9.15
C THR A 202 -7.24 5.76 9.16
N GLN A 203 -7.90 6.69 8.47
CA GLN A 203 -9.36 6.78 8.47
C GLN A 203 -10.02 6.32 7.17
N LYS A 204 -9.36 6.52 6.05
CA LYS A 204 -9.82 6.06 4.76
C LYS A 204 -8.68 5.31 4.08
N GLY A 205 -9.00 4.19 3.44
CA GLY A 205 -7.98 3.43 2.74
C GLY A 205 -8.57 2.15 2.20
N ASN A 206 -7.69 1.22 1.85
CA ASN A 206 -8.19 -0.11 1.52
C ASN A 206 -7.47 -1.13 2.39
N CYS A 207 -7.61 -2.42 2.09
CA CYS A 207 -6.98 -3.42 2.94
C CYS A 207 -5.46 -3.43 2.87
N SER A 208 -4.83 -2.65 2.00
CA SER A 208 -3.39 -2.59 2.03
C SER A 208 -2.87 -1.95 3.32
N ARG A 209 -3.72 -1.21 4.04
CA ARG A 209 -3.35 -0.57 5.27
C ARG A 209 -3.07 -1.59 6.37
N PHE A 210 -3.33 -2.86 6.09
CA PHE A 210 -3.07 -3.94 7.02
C PHE A 210 -1.71 -4.59 6.81
N MET A 211 -0.90 -4.12 5.87
CA MET A 211 0.34 -4.81 5.58
C MET A 211 1.36 -4.47 6.66
N ASN A 212 1.82 -5.50 7.36
CA ASN A 212 2.69 -5.31 8.52
C ASN A 212 4.14 -5.20 8.08
N HIS A 213 4.99 -4.70 8.99
CA HIS A 213 6.39 -4.52 8.68
C HIS A 213 7.16 -5.80 8.99
N SER A 214 8.24 -6.04 8.24
CA SER A 214 9.16 -7.12 8.53
C SER A 214 10.55 -6.65 8.16
N CYS A 215 11.53 -6.96 9.03
CA CYS A 215 12.91 -6.67 8.70
C CYS A 215 13.41 -7.57 7.56
N GLU A 216 12.60 -8.52 7.12
CA GLU A 216 13.00 -9.48 6.09
C GLU A 216 11.78 -9.74 5.21
N PRO A 217 11.34 -8.72 4.47
CA PRO A 217 10.00 -8.74 3.89
C PRO A 217 9.92 -9.49 2.56
N ASN A 218 8.69 -9.73 2.12
CA ASN A 218 8.47 -10.38 0.83
C ASN A 218 7.76 -9.46 -0.18
N CYS A 219 7.48 -8.21 0.19
CA CYS A 219 6.96 -7.18 -0.70
C CYS A 219 7.80 -5.91 -0.64
N GLU A 220 7.64 -5.07 -1.67
CA GLU A 220 8.22 -3.74 -1.73
C GLU A 220 7.18 -2.74 -2.21
N THR A 221 7.35 -1.48 -1.84
CA THR A 221 6.55 -0.46 -2.49
C THR A 221 7.16 -0.12 -3.84
N GLN A 222 6.30 0.34 -4.74
CA GLN A 222 6.76 0.82 -6.06
C GLN A 222 5.95 2.08 -6.36
N LYS A 223 6.61 3.16 -6.75
CA LYS A 223 5.91 4.44 -7.00
C LYS A 223 5.52 4.54 -8.47
N TRP A 224 4.23 4.43 -8.75
CA TRP A 224 3.75 4.42 -10.16
C TRP A 224 2.98 5.70 -10.46
N THR A 225 3.00 6.13 -11.71
CA THR A 225 2.19 7.27 -12.13
C THR A 225 1.01 6.76 -12.94
N VAL A 226 -0.19 7.13 -12.52
CA VAL A 226 -1.41 6.83 -13.24
C VAL A 226 -2.10 8.14 -13.54
N ASN A 227 -2.21 8.47 -14.83
CA ASN A 227 -2.85 9.69 -15.31
C ASN A 227 -2.24 10.95 -14.68
N GLY A 228 -0.92 10.99 -14.61
CA GLY A 228 -0.21 12.12 -14.07
C GLY A 228 -0.10 12.16 -12.56
N GLN A 229 -0.70 11.21 -11.86
CA GLN A 229 -0.71 11.21 -10.41
C GLN A 229 0.11 10.05 -9.86
N LEU A 230 0.82 10.33 -8.78
CA LEU A 230 1.56 9.30 -8.10
C LEU A 230 0.60 8.36 -7.40
N ARG A 231 0.88 7.06 -7.54
CA ARG A 231 0.18 6.04 -6.78
C ARG A 231 1.22 5.03 -6.33
N VAL A 232 1.11 4.59 -5.10
CA VAL A 232 2.08 3.68 -4.52
C VAL A 232 1.45 2.30 -4.46
N GLY A 233 2.17 1.29 -4.97
CA GLY A 233 1.69 -0.08 -4.95
C GLY A 233 2.64 -0.98 -4.19
N PHE A 234 2.08 -2.03 -3.59
CA PHE A 234 2.85 -3.12 -3.01
C PHE A 234 3.02 -4.23 -4.06
N PHE A 235 4.25 -4.69 -4.23
CA PHE A 235 4.56 -5.74 -5.19
C PHE A 235 5.41 -6.81 -4.50
N THR A 236 5.19 -8.07 -4.83
CA THR A 236 6.02 -9.11 -4.24
C THR A 236 7.43 -9.00 -4.77
N THR A 237 8.40 -9.44 -3.95
CA THR A 237 9.80 -9.50 -4.35
C THR A 237 10.32 -10.92 -4.44
N LYS A 238 9.46 -11.90 -4.17
CA LYS A 238 9.79 -13.33 -4.25
C LYS A 238 8.47 -14.07 -4.36
N LEU A 239 8.55 -15.38 -4.64
CA LEU A 239 7.33 -16.18 -4.65
C LEU A 239 6.82 -16.31 -3.23
N VAL A 240 5.65 -15.76 -2.98
CA VAL A 240 5.00 -15.85 -1.67
C VAL A 240 4.05 -17.04 -1.72
N PRO A 241 4.26 -18.07 -0.91
CA PRO A 241 3.36 -19.22 -0.95
C PRO A 241 2.02 -18.89 -0.30
N SER A 242 1.00 -19.62 -0.72
CA SER A 242 -0.33 -19.46 -0.18
C SER A 242 -0.31 -19.60 1.34
N GLY A 243 -0.98 -18.68 2.02
CA GLY A 243 -1.07 -18.71 3.46
C GLY A 243 -0.04 -17.86 4.19
N SER A 244 1.01 -17.40 3.50
CA SER A 244 2.05 -16.60 4.14
C SER A 244 1.61 -15.16 4.31
N GLU A 245 2.05 -14.56 5.41
CA GLU A 245 1.80 -13.14 5.64
C GLU A 245 2.58 -12.31 4.63
N LEU A 246 1.94 -11.26 4.14
CA LEU A 246 2.59 -10.29 3.26
C LEU A 246 3.09 -9.13 4.10
N THR A 247 4.32 -8.68 3.82
CA THR A 247 4.99 -7.68 4.63
C THR A 247 5.87 -6.83 3.74
N PHE A 248 6.21 -5.64 4.22
CA PHE A 248 7.26 -4.86 3.58
C PHE A 248 8.09 -4.16 4.66
N ASP A 249 9.18 -3.55 4.22
CA ASP A 249 10.08 -2.82 5.11
C ASP A 249 9.58 -1.39 5.21
N TYR A 250 8.91 -1.07 6.32
CA TYR A 250 8.41 0.28 6.52
C TYR A 250 9.48 1.34 6.34
N GLN A 251 10.76 1.01 6.59
CA GLN A 251 11.79 2.02 6.76
C GLN A 251 11.26 3.12 7.68
N PHE A 252 10.69 2.68 8.78
CA PHE A 252 9.90 3.53 9.66
C PHE A 252 10.75 4.63 10.29
N GLN A 253 10.19 5.84 10.33
CA GLN A 253 10.82 7.01 10.94
C GLN A 253 10.01 7.38 12.17
N ARG A 254 10.52 7.03 13.35
CA ARG A 254 9.78 7.30 14.57
C ARG A 254 10.00 8.75 15.01
N TYR A 255 8.91 9.45 15.31
CA TYR A 255 9.01 10.70 16.08
C TYR A 255 8.44 10.55 17.48
N GLY A 256 7.78 9.44 17.80
CA GLY A 256 7.32 9.24 19.16
C GLY A 256 8.47 9.06 20.13
N LYS A 257 8.23 9.44 21.40
CA LYS A 257 9.22 9.23 22.45
C LYS A 257 9.52 7.74 22.66
N GLU A 258 8.51 6.87 22.58
CA GLU A 258 8.61 5.46 22.94
C GLU A 258 8.67 4.59 21.70
N ALA A 259 9.75 3.84 21.54
CA ALA A 259 9.90 3.00 20.36
C ALA A 259 9.02 1.77 20.45
N GLN A 260 8.72 1.21 19.29
CA GLN A 260 7.89 0.02 19.17
C GLN A 260 8.79 -1.17 18.83
N LYS A 261 8.83 -2.17 19.72
CA LYS A 261 9.60 -3.37 19.45
C LYS A 261 9.04 -4.09 18.25
N CYS A 262 9.93 -4.62 17.41
CA CYS A 262 9.51 -5.27 16.18
C CYS A 262 9.30 -6.77 16.39
N PHE A 263 8.10 -7.27 16.12
CA PHE A 263 7.82 -8.70 16.26
C PHE A 263 7.84 -9.43 14.92
N CYS A 264 8.64 -8.97 13.95
CA CYS A 264 8.64 -9.64 12.65
C CYS A 264 9.19 -11.05 12.77
N GLY A 265 10.05 -11.30 13.75
CA GLY A 265 10.56 -12.62 13.97
C GLY A 265 11.72 -13.00 13.09
N SER A 266 12.22 -12.06 12.29
CA SER A 266 13.35 -12.34 11.42
C SER A 266 14.61 -12.54 12.26
N ALA A 267 15.45 -13.49 11.85
CA ALA A 267 16.73 -13.70 12.51
C ALA A 267 17.66 -12.52 12.32
N ASN A 268 17.37 -11.63 11.37
CA ASN A 268 18.08 -10.37 11.23
C ASN A 268 17.19 -9.18 11.60
N CYS A 269 16.31 -9.36 12.57
CA CYS A 269 15.39 -8.31 12.96
C CYS A 269 16.14 -7.14 13.59
N ARG A 270 15.76 -5.92 13.21
CA ARG A 270 16.46 -4.73 13.68
C ARG A 270 16.05 -4.32 15.08
N GLY A 271 15.11 -5.03 15.72
CA GLY A 271 14.73 -4.75 17.10
C GLY A 271 13.51 -3.87 17.30
N TYR A 272 13.52 -2.66 16.76
CA TYR A 272 12.42 -1.72 16.88
C TYR A 272 12.01 -1.25 15.48
N LEU A 273 10.75 -0.84 15.34
CA LEU A 273 10.27 -0.42 14.01
C LEU A 273 11.09 0.72 13.46
N GLY A 274 11.45 1.67 14.31
CA GLY A 274 12.10 2.89 13.90
C GLY A 274 13.60 2.91 13.92
N GLY A 275 14.25 1.83 14.36
CA GLY A 275 15.70 1.87 14.53
C GLY A 275 16.11 2.59 15.80
N GLU A 276 17.38 2.99 15.82
CA GLU A 276 17.99 3.44 17.07
C GLU A 276 17.64 4.88 17.43
N ASN A 277 17.32 5.73 16.45
CA ASN A 277 17.24 7.15 16.72
C ASN A 277 15.91 7.74 16.28
N ARG A 278 15.44 8.71 17.05
CA ARG A 278 14.19 9.41 16.82
C ARG A 278 14.43 10.59 15.88
N VAL A 279 13.49 10.83 14.97
CA VAL A 279 13.56 11.99 14.08
C VAL A 279 12.52 13.02 14.51
N SER A 280 12.76 14.27 14.14
CA SER A 280 11.78 15.31 14.38
C SER A 280 10.50 15.02 13.60
N ILE A 281 9.44 15.78 13.91
CA ILE A 281 8.15 15.60 13.25
C ILE A 281 8.21 16.10 11.82
N ARG A 282 8.93 17.19 11.57
CA ARG A 282 9.00 17.72 10.23
C ARG A 282 9.85 16.84 9.32
N ALA A 283 10.95 16.27 9.84
CA ALA A 283 11.75 15.35 9.04
C ALA A 283 10.99 14.07 8.76
N ALA A 284 10.22 13.60 9.72
CA ALA A 284 9.39 12.42 9.48
C ALA A 284 8.42 12.67 8.34
N GLY A 285 7.79 13.85 8.34
CA GLY A 285 6.89 14.29 7.29
C GLY A 285 7.56 14.68 6.00
N GLY A 286 8.87 14.52 5.89
CA GLY A 286 9.58 14.77 4.65
C GLY A 286 9.73 16.23 4.28
N LYS A 287 9.99 17.09 5.25
CA LYS A 287 10.25 18.50 5.01
C LYS A 287 11.69 18.80 5.40
N MET A 288 12.47 19.30 4.44
CA MET A 288 13.89 19.57 4.64
C MET A 288 14.15 21.00 5.09
N ALA B 1 6.73 16.04 23.15
CA ALA B 1 6.60 15.14 22.00
C ALA B 1 5.45 14.16 22.19
N PRO B 2 4.88 13.68 21.08
CA PRO B 2 3.92 12.58 21.17
C PRO B 2 4.57 11.34 21.77
N SER B 3 3.76 10.55 22.48
CA SER B 3 4.26 9.33 23.11
C SER B 3 4.72 8.32 22.06
N THR B 4 3.90 8.08 21.02
CA THR B 4 4.25 7.19 19.93
C THR B 4 3.93 7.88 18.61
N GLY B 5 4.37 7.27 17.51
CA GLY B 5 4.08 7.77 16.17
C GLY B 5 5.30 7.76 15.27
N GLY B 6 5.03 7.64 13.96
CA GLY B 6 6.09 7.67 12.98
C GLY B 6 5.51 7.59 11.57
N VAL B 7 6.40 7.54 10.59
CA VAL B 7 6.04 7.61 9.17
C VAL B 7 6.83 6.55 8.42
N MET B 8 6.17 5.82 7.53
CA MET B 8 6.85 4.83 6.71
C MET B 8 7.43 5.52 5.49
N LYS B 9 8.57 5.03 5.00
CA LYS B 9 9.23 5.56 3.82
C LYS B 9 9.51 4.46 2.80
N PRO B 10 9.07 4.62 1.54
CA PRO B 10 9.46 3.68 0.47
C PRO B 10 10.94 3.31 0.42
N HIS B 11 11.82 4.29 0.27
CA HIS B 11 13.26 4.02 0.24
C HIS B 11 13.89 4.33 1.59
ZN ZN C . 2.87 -0.87 -24.11
ZN ZN D . -0.71 -0.49 -22.66
ZN ZN E . 12.00 -7.05 12.70
N SAM F . -1.39 -4.17 12.12
CA SAM F . -2.09 -2.95 11.71
C SAM F . -3.56 -2.97 12.12
O SAM F . -4.01 -3.91 12.80
OXT SAM F . -4.31 -2.05 11.79
CB SAM F . -2.01 -2.78 10.20
CG SAM F . -0.66 -2.26 9.75
SD SAM F . -0.46 -0.53 10.28
CE SAM F . 0.13 0.12 8.69
C5' SAM F . 1.14 -0.47 11.16
C4' SAM F . 0.97 -0.73 12.65
O4' SAM F . 0.88 -2.12 12.88
C3' SAM F . 2.13 -0.20 13.49
O3' SAM F . 1.74 1.05 14.03
C2' SAM F . 2.26 -1.24 14.57
O2' SAM F . 1.27 -0.93 15.53
C1' SAM F . 1.78 -2.51 13.90
N9 SAM F . 2.89 -3.28 13.31
C8 SAM F . 3.13 -3.53 11.97
N7 SAM F . 4.23 -4.29 11.83
C5 SAM F . 4.74 -4.52 13.07
C6 SAM F . 5.86 -5.21 13.53
N6 SAM F . 6.70 -5.84 12.70
N1 SAM F . 6.11 -5.27 14.89
C2 SAM F . 5.25 -4.66 15.77
N3 SAM F . 4.15 -3.97 15.32
C4 SAM F . 3.90 -3.90 14.00
#